data_5LHP
#
_entry.id   5LHP
#
_cell.length_a   94.080
_cell.length_b   94.080
_cell.length_c   122.150
_cell.angle_alpha   90.00
_cell.angle_beta   90.00
_cell.angle_gamma   120.00
#
_symmetry.space_group_name_H-M   'P 31 2 1'
#
loop_
_entity.id
_entity.type
_entity.pdbx_description
1 polymer 'Urokinase-type plasminogen activator'
2 polymer 'Camelid-Derived Antibody Fragment'
3 non-polymer 'SULFATE ION'
4 non-polymer 1,2-ETHANEDIOL
5 non-polymer 'P-AMINO BENZAMIDINE'
6 water water
#
loop_
_entity_poly.entity_id
_entity_poly.type
_entity_poly.pdbx_seq_one_letter_code
_entity_poly.pdbx_strand_id
1 'polypeptide(L)'
;IVGGEFTEVENQPWFAAIYQKNKGGSPPSFKCGGSLISPCWVASAAHCFIQLPKKENYVVYLGQSKESSYNPGEMKFEVE
QLILHEYYREDSLAYHNDIALLKIRTSTGQCAQPSRSIQTIALPPRFTDAPFGSDCEITGFGKESESDYLYPKNLKMSVV
KLVSHEQCMQPHYYGSEINYKMLCAADPEWKTDSCKGDSGGPLICNIEGRPTLSGIVSWGRGCAEKNKPGVYTRVSHFLD
WIQSHIG
;
A
2 'polypeptide(L)'
;QVQLQESGGGLVQPGGSLRLSCAASGFTLGYYAIGWFRRAPGKEREGVSCISSSGGSTNYADSVKGRFTISRDNAKNTVD
LQMNSLKPEDTAIYYCAAEWVPPGYGATVQALCNNAGYGMEYWGKGTQVTVSSAAAYPYDVPDYGSHHHHHH
;
B
#
loop_
_chem_comp.id
_chem_comp.type
_chem_comp.name
_chem_comp.formula
EDO non-polymer 1,2-ETHANEDIOL 'C2 H6 O2'
PBZ non-polymer 'P-AMINO BENZAMIDINE' 'C7 H10 N3 1'
SO4 non-polymer 'SULFATE ION' 'O4 S -2'
#
# COMPACT_ATOMS: atom_id res chain seq x y z
N ILE A 1 -7.26 11.76 9.45
CA ILE A 1 -8.44 12.04 8.65
C ILE A 1 -9.71 12.02 9.53
N VAL A 2 -10.10 13.20 10.02
CA VAL A 2 -11.23 13.31 10.95
C VAL A 2 -12.48 13.73 10.18
N GLY A 3 -13.56 12.98 10.41
CA GLY A 3 -14.88 13.35 9.96
C GLY A 3 -15.17 13.28 8.47
N GLY A 4 -14.93 12.13 7.85
CA GLY A 4 -15.24 11.97 6.43
C GLY A 4 -16.01 10.70 6.10
N GLU A 5 -15.85 10.22 4.85
CA GLU A 5 -16.41 8.93 4.41
C GLU A 5 -15.28 7.92 4.18
N PHE A 6 -15.63 6.66 3.99
CA PHE A 6 -14.65 5.67 3.51
C PHE A 6 -14.69 5.66 1.99
N THR A 7 -13.52 5.56 1.36
CA THR A 7 -13.40 5.58 -0.09
C THR A 7 -13.68 4.22 -0.71
N GLU A 8 -13.78 4.22 -2.04
CA GLU A 8 -14.06 3.01 -2.82
C GLU A 8 -13.09 2.86 -4.00
N VAL A 9 -13.36 1.90 -4.86
CA VAL A 9 -12.39 1.43 -5.85
C VAL A 9 -11.96 2.47 -6.91
N GLU A 10 -12.78 3.51 -7.14
CA GLU A 10 -12.41 4.58 -8.07
C GLU A 10 -12.32 5.95 -7.40
N ASN A 11 -12.26 5.98 -6.06
CA ASN A 11 -12.04 7.21 -5.31
C ASN A 11 -10.56 7.29 -4.91
N GLN A 12 -9.89 8.34 -5.35
CA GLN A 12 -8.49 8.57 -5.00
C GLN A 12 -7.58 7.40 -5.41
N PRO A 13 -7.61 7.04 -6.69
CA PRO A 13 -6.78 5.94 -7.21
C PRO A 13 -5.30 6.30 -7.32
N TRP A 14 -4.96 7.55 -7.03
CA TRP A 14 -3.57 8.00 -6.97
C TRP A 14 -3.00 7.80 -5.56
N PHE A 15 -3.84 7.44 -4.59
CA PHE A 15 -3.36 7.29 -3.23
C PHE A 15 -2.35 6.15 -3.10
N ALA A 16 -1.26 6.44 -2.39
CA ALA A 16 -0.19 5.49 -2.14
C ALA A 16 0.01 5.27 -0.64
N ALA A 17 -0.03 4.03 -0.18
CA ALA A 17 0.31 3.74 1.22
C ALA A 17 1.78 3.42 1.35
N ILE A 18 2.48 4.23 2.14
CA ILE A 18 3.92 4.06 2.34
C ILE A 18 4.19 3.41 3.69
N TYR A 19 4.80 2.23 3.63
CA TYR A 19 5.10 1.44 4.81
C TYR A 19 6.57 1.32 5.07
N GLN A 20 6.88 1.32 6.36
CA GLN A 20 8.23 1.08 6.80
C GLN A 20 8.39 -0.39 7.17
N LYS A 21 9.51 -0.98 6.75
CA LYS A 21 9.77 -2.39 6.98
C LYS A 21 10.26 -2.59 8.40
N ASN A 22 9.87 -3.72 8.97
CA ASN A 22 10.40 -4.16 10.24
C ASN A 22 11.40 -5.27 10.05
N LYS A 23 12.26 -5.47 11.05
CA LYS A 23 13.28 -6.50 10.97
C LYS A 23 12.62 -7.87 11.18
N GLY A 24 13.10 -8.84 10.42
CA GLY A 24 12.58 -10.19 10.54
C GLY A 24 11.42 -10.37 9.60
N GLY A 25 10.58 -11.36 9.89
CA GLY A 25 9.34 -11.52 9.16
C GLY A 25 8.19 -10.84 9.87
N SER A 26 8.47 -9.76 10.57
CA SER A 26 7.38 -8.93 11.10
C SER A 26 6.74 -8.15 9.96
N PRO A 27 5.40 -8.12 9.91
CA PRO A 27 4.75 -7.26 8.92
C PRO A 27 5.21 -5.81 9.05
N PRO A 28 5.15 -5.04 7.96
CA PRO A 28 5.62 -3.64 8.03
C PRO A 28 4.65 -2.74 8.78
N SER A 29 5.10 -1.54 9.10
CA SER A 29 4.29 -0.53 9.81
C SER A 29 3.89 0.62 8.87
N PHE A 30 2.61 0.98 8.87
CA PHE A 30 2.18 2.14 8.10
C PHE A 30 2.90 3.38 8.53
N LYS A 31 3.49 4.10 7.58
CA LYS A 31 4.23 5.34 7.91
C LYS A 31 3.61 6.65 7.34
N CYS A 32 3.16 6.66 6.09
CA CYS A 32 2.68 7.88 5.45
C CYS A 32 1.79 7.62 4.24
N GLY A 33 1.10 8.68 3.82
CA GLY A 33 0.37 8.69 2.55
C GLY A 33 1.26 9.24 1.45
N GLY A 34 0.72 9.28 0.24
CA GLY A 34 1.48 9.69 -0.93
C GLY A 34 0.60 9.62 -2.15
N SER A 35 1.09 10.21 -3.24
CA SER A 35 0.31 10.33 -4.47
C SER A 35 1.10 9.86 -5.68
N LEU A 36 0.49 9.03 -6.51
CA LEU A 36 1.13 8.63 -7.76
C LEU A 36 1.03 9.77 -8.79
N ILE A 37 2.15 10.42 -9.06
CA ILE A 37 2.12 11.53 -10.02
C ILE A 37 2.66 11.06 -11.37
N SER A 38 3.42 9.96 -11.36
CA SER A 38 3.79 9.31 -12.60
C SER A 38 3.73 7.80 -12.39
N PRO A 39 3.57 7.02 -13.47
CA PRO A 39 3.57 5.57 -13.27
C PRO A 39 4.76 5.06 -12.42
N CYS A 40 5.88 5.75 -12.47
CA CYS A 40 7.05 5.36 -11.69
C CYS A 40 7.34 6.26 -10.49
N TRP A 41 6.51 7.26 -10.26
CA TRP A 41 6.79 8.25 -9.21
C TRP A 41 5.61 8.59 -8.31
N VAL A 42 5.93 8.49 -7.03
CA VAL A 42 5.06 8.90 -5.94
C VAL A 42 5.61 10.13 -5.21
N ALA A 43 4.78 11.14 -5.05
CA ALA A 43 5.13 12.31 -4.24
C ALA A 43 4.58 12.19 -2.80
N SER A 44 5.43 12.52 -1.83
CA SER A 44 5.06 12.48 -0.42
C SER A 44 5.80 13.59 0.35
N ALA A 45 5.79 13.49 1.68
CA ALA A 45 6.39 14.49 2.54
C ALA A 45 7.77 14.06 3.03
N ALA A 46 8.75 14.95 2.96
CA ALA A 46 10.09 14.63 3.43
C ALA A 46 10.13 14.24 4.90
N HIS A 47 9.31 14.91 5.72
CA HIS A 47 9.44 14.73 7.16
C HIS A 47 9.09 13.28 7.50
N CYS A 48 8.47 12.58 6.57
CA CYS A 48 8.16 11.16 6.73
C CYS A 48 9.37 10.24 6.63
N PHE A 49 10.49 10.73 6.09
CA PHE A 49 11.61 9.85 5.77
C PHE A 49 12.92 10.30 6.41
N ILE A 50 12.88 11.42 7.14
CA ILE A 50 14.09 12.05 7.66
C ILE A 50 14.80 11.18 8.70
N GLN A 51 14.06 10.36 9.43
CA GLN A 51 14.70 9.48 10.41
C GLN A 51 15.43 8.30 9.74
N LEU A 52 14.87 7.77 8.66
CA LEU A 52 15.46 6.65 7.93
C LEU A 52 15.38 6.91 6.44
N PRO A 53 16.25 7.78 5.94
CA PRO A 53 16.16 8.24 4.55
C PRO A 53 16.67 7.25 3.52
N LYS A 54 16.99 6.01 3.92
CA LYS A 54 17.46 4.98 2.98
C LYS A 54 16.27 4.27 2.36
N LYS A 55 16.26 4.16 1.03
CA LYS A 55 15.10 3.63 0.31
C LYS A 55 14.73 2.20 0.73
N GLU A 56 15.71 1.44 1.21
CA GLU A 56 15.50 0.02 1.52
C GLU A 56 14.51 -0.17 2.66
N ASN A 57 14.24 0.88 3.42
CA ASN A 57 13.37 0.75 4.57
C ASN A 57 11.88 0.78 4.29
N TYR A 58 11.50 0.95 3.01
CA TYR A 58 10.11 1.21 2.67
C TYR A 58 9.52 0.30 1.60
N VAL A 59 8.20 0.20 1.62
CA VAL A 59 7.47 -0.46 0.56
C VAL A 59 6.15 0.30 0.32
N VAL A 60 5.76 0.42 -0.94
CA VAL A 60 4.61 1.24 -1.31
C VAL A 60 3.50 0.35 -1.83
N TYR A 61 2.27 0.65 -1.41
CA TYR A 61 1.10 -0.09 -1.89
C TYR A 61 0.12 0.84 -2.61
N LEU A 62 -0.48 0.31 -3.68
CA LEU A 62 -1.39 1.07 -4.53
C LEU A 62 -2.69 0.32 -4.73
N GLY A 63 -3.71 1.04 -5.19
CA GLY A 63 -4.98 0.43 -5.52
C GLY A 63 -5.81 -0.01 -4.33
N GLN A 64 -5.65 0.65 -3.19
CA GLN A 64 -6.37 0.25 -1.99
C GLN A 64 -7.86 0.55 -2.07
N SER A 65 -8.65 -0.44 -1.65
CA SER A 65 -10.10 -0.34 -1.68
C SER A 65 -10.74 -1.61 -1.12
N LYS A 66 -11.92 -1.49 -0.50
CA LYS A 66 -12.63 -2.66 0.03
C LYS A 66 -13.14 -3.59 -1.06
N GLU A 67 -13.19 -3.11 -2.30
CA GLU A 67 -13.72 -3.91 -3.40
C GLU A 67 -12.60 -4.29 -4.39
N SER A 68 -11.35 -4.02 -4.01
CA SER A 68 -10.20 -4.36 -4.85
C SER A 68 -9.44 -5.55 -4.26
N SER A 69 -9.18 -6.55 -5.10
CA SER A 69 -8.48 -7.74 -4.69
C SER A 69 -7.00 -7.48 -4.72
N TYR A 70 -6.33 -7.70 -3.59
CA TYR A 70 -4.90 -7.47 -3.52
C TYR A 70 -4.12 -8.40 -4.44
N ASN A 71 -3.33 -7.81 -5.32
CA ASN A 71 -2.38 -8.55 -6.15
C ASN A 71 -0.97 -8.01 -5.92
N PRO A 72 -0.12 -8.79 -5.25
CA PRO A 72 1.22 -8.27 -4.96
C PRO A 72 2.06 -8.00 -6.20
N GLY A 73 1.72 -8.61 -7.32
CA GLY A 73 2.50 -8.43 -8.53
C GLY A 73 2.32 -7.06 -9.15
N GLU A 74 1.17 -6.45 -8.90
CA GLU A 74 0.85 -5.17 -9.52
C GLU A 74 0.65 -4.04 -8.53
N MET A 75 0.50 -4.38 -7.24
CA MET A 75 0.11 -3.39 -6.25
C MET A 75 1.16 -3.12 -5.17
N LYS A 76 2.18 -3.98 -5.11
CA LYS A 76 3.27 -3.81 -4.15
C LYS A 76 4.49 -3.28 -4.88
N PHE A 77 5.14 -2.28 -4.29
CA PHE A 77 6.28 -1.67 -4.92
C PHE A 77 7.46 -1.51 -4.00
N GLU A 78 8.64 -1.80 -4.53
CA GLU A 78 9.86 -1.46 -3.86
C GLU A 78 10.21 -0.07 -4.32
N VAL A 79 11.01 0.60 -3.52
CA VAL A 79 11.44 1.96 -3.77
C VAL A 79 12.85 1.95 -4.27
N GLU A 80 13.04 2.31 -5.54
CA GLU A 80 14.38 2.22 -6.14
C GLU A 80 15.06 3.58 -6.09
N GLN A 81 14.31 4.62 -5.78
CA GLN A 81 14.90 5.94 -5.49
C GLN A 81 14.09 6.66 -4.43
N LEU A 82 14.79 7.22 -3.44
CA LEU A 82 14.19 8.05 -2.39
C LEU A 82 14.83 9.41 -2.38
N ILE A 83 14.09 10.40 -2.82
CA ILE A 83 14.63 11.75 -2.92
C ILE A 83 13.90 12.69 -1.98
N LEU A 84 14.66 13.23 -1.02
CA LEU A 84 14.17 14.28 -0.11
C LEU A 84 14.66 15.62 -0.56
N HIS A 85 13.82 16.62 -0.46
CA HIS A 85 14.26 17.98 -0.77
C HIS A 85 15.51 18.33 0.05
N GLU A 86 16.48 18.94 -0.62
CA GLU A 86 17.81 19.15 -0.06
C GLU A 86 17.82 20.23 1.01
N TYR A 87 16.80 21.09 0.97
CA TYR A 87 16.65 22.16 1.96
C TYR A 87 15.46 21.92 2.87
N TYR A 88 15.13 20.65 3.10
CA TYR A 88 14.15 20.31 4.11
C TYR A 88 14.71 20.72 5.48
N ARG A 89 13.92 21.46 6.27
CA ARG A 89 14.33 21.82 7.62
C ARG A 89 13.13 21.68 8.53
N GLU A 90 13.39 21.46 9.82
CA GLU A 90 12.34 21.39 10.84
C GLU A 90 12.34 22.67 11.68
N ASP A 91 11.18 23.30 11.77
CA ASP A 91 11.00 24.50 12.55
C ASP A 91 10.26 24.10 13.82
N SER A 92 9.96 25.09 14.65
CA SER A 92 9.27 24.90 15.92
C SER A 92 8.03 24.00 15.80
N LEU A 93 7.26 24.28 14.76
CA LEU A 93 6.00 23.58 14.49
C LEU A 93 5.90 23.22 13.01
N ALA A 94 6.41 24.10 12.15
CA ALA A 94 6.31 23.90 10.71
C ALA A 94 7.50 23.13 10.10
N TYR A 95 7.21 22.41 9.03
CA TYR A 95 8.25 21.86 8.19
C TYR A 95 8.49 22.79 7.00
N HIS A 96 9.74 22.88 6.54
CA HIS A 96 10.08 23.65 5.33
C HIS A 96 10.53 22.73 4.22
N ASN A 97 10.04 22.98 3.02
CA ASN A 97 10.36 22.18 1.85
C ASN A 97 10.02 20.71 2.09
N ASP A 98 8.87 20.50 2.72
CA ASP A 98 8.43 19.18 3.11
C ASP A 98 7.88 18.41 1.94
N ILE A 99 8.78 17.90 1.12
CA ILE A 99 8.38 17.16 -0.07
C ILE A 99 9.43 16.13 -0.39
N ALA A 100 8.96 14.98 -0.85
CA ALA A 100 9.83 13.87 -1.21
C ALA A 100 9.29 13.14 -2.45
N LEU A 101 10.21 12.54 -3.20
CA LEU A 101 9.86 11.71 -4.35
C LEU A 101 10.38 10.29 -4.18
N LEU A 102 9.47 9.35 -4.42
CA LEU A 102 9.76 7.92 -4.40
C LEU A 102 9.60 7.34 -5.80
N LYS A 103 10.68 6.77 -6.36
CA LYS A 103 10.59 6.04 -7.62
C LYS A 103 10.30 4.58 -7.32
N ILE A 104 9.21 4.06 -7.85
CA ILE A 104 8.73 2.74 -7.46
C ILE A 104 8.79 1.70 -8.59
N ARG A 105 9.03 0.45 -8.21
CA ARG A 105 8.86 -0.64 -9.14
C ARG A 105 8.37 -1.92 -8.46
N THR A 106 7.61 -2.71 -9.22
CA THR A 106 7.17 -4.04 -8.78
C THR A 106 8.33 -5.05 -8.76
N SER A 107 8.02 -6.25 -8.28
CA SER A 107 9.05 -7.28 -8.14
C SER A 107 9.69 -7.65 -9.48
N THR A 108 8.93 -7.46 -10.55
CA THR A 108 9.41 -7.74 -11.92
C THR A 108 9.87 -6.48 -12.65
N GLY A 109 10.03 -5.38 -11.91
CA GLY A 109 10.69 -4.19 -12.45
C GLY A 109 9.78 -3.25 -13.20
N GLN A 110 8.47 -3.49 -13.12
CA GLN A 110 7.52 -2.64 -13.79
C GLN A 110 7.04 -1.48 -12.93
N CYS A 111 6.50 -0.48 -13.61
CA CYS A 111 5.91 0.66 -12.97
C CYS A 111 4.45 0.37 -12.71
N ALA A 112 3.73 1.34 -12.17
CA ALA A 112 2.31 1.19 -11.94
C ALA A 112 1.58 1.16 -13.28
N GLN A 113 0.75 0.14 -13.48
CA GLN A 113 -0.04 0.04 -14.70
C GLN A 113 -1.42 0.52 -14.35
N PRO A 114 -1.94 1.50 -15.12
CA PRO A 114 -3.27 2.01 -14.79
C PRO A 114 -4.39 0.98 -14.83
N SER A 115 -5.41 1.21 -14.01
CA SER A 115 -6.54 0.30 -13.84
C SER A 115 -7.68 1.03 -13.15
N ARG A 116 -8.76 0.33 -12.78
CA ARG A 116 -9.90 0.99 -12.16
C ARG A 116 -9.46 1.60 -10.84
N SER A 117 -8.43 0.99 -10.27
CA SER A 117 -8.03 1.29 -8.91
C SER A 117 -6.71 2.04 -8.82
N ILE A 118 -6.03 2.24 -9.95
CA ILE A 118 -4.75 2.93 -9.96
C ILE A 118 -4.65 3.92 -11.10
N GLN A 119 -4.66 5.20 -10.76
CA GLN A 119 -4.49 6.30 -11.71
C GLN A 119 -3.43 7.26 -11.21
N THR A 120 -2.79 7.96 -12.13
CA THR A 120 -1.90 9.05 -11.75
C THR A 120 -2.76 10.28 -11.48
N ILE A 121 -2.18 11.27 -10.82
CA ILE A 121 -2.87 12.53 -10.54
C ILE A 121 -2.05 13.63 -11.22
N ALA A 122 -2.75 14.61 -11.77
CA ALA A 122 -2.11 15.68 -12.51
C ALA A 122 -1.47 16.71 -11.58
N LEU A 123 -0.28 17.18 -11.94
CA LEU A 123 0.35 18.30 -11.22
C LEU A 123 -0.28 19.61 -11.66
N PRO A 124 -0.18 20.67 -10.84
CA PRO A 124 -0.76 21.95 -11.25
C PRO A 124 0.10 22.68 -12.28
N PRO A 125 -0.51 23.65 -12.99
CA PRO A 125 0.29 24.61 -13.77
C PRO A 125 1.15 25.46 -12.84
N ARG A 126 2.27 25.95 -13.34
CA ARG A 126 3.22 26.68 -12.48
C ARG A 126 2.58 27.86 -11.75
N PHE A 127 2.83 27.90 -10.44
CA PHE A 127 2.36 28.99 -9.59
C PHE A 127 0.84 29.19 -9.66
N THR A 128 0.14 28.20 -10.22
CA THR A 128 -1.32 28.21 -10.30
C THR A 128 -1.94 27.33 -9.23
N ASP A 129 -2.90 27.92 -8.51
CA ASP A 129 -3.65 27.24 -7.47
C ASP A 129 -5.13 27.57 -7.66
N ALA A 130 -6.01 26.68 -7.19
CA ALA A 130 -7.42 26.97 -7.16
C ALA A 130 -7.65 28.24 -6.31
N PRO A 131 -8.80 28.89 -6.47
CA PRO A 131 -9.02 30.08 -5.65
C PRO A 131 -9.25 29.72 -4.17
N PHE A 132 -8.97 30.64 -3.27
CA PHE A 132 -9.23 30.34 -1.89
C PHE A 132 -10.74 30.15 -1.77
N GLY A 133 -11.16 29.27 -0.88
CA GLY A 133 -12.55 28.95 -0.75
C GLY A 133 -12.98 27.80 -1.62
N SER A 134 -12.10 27.31 -2.50
CA SER A 134 -12.39 26.08 -3.27
C SER A 134 -12.54 24.85 -2.38
N ASP A 135 -13.29 23.88 -2.87
CA ASP A 135 -13.39 22.57 -2.22
C ASP A 135 -12.30 21.65 -2.70
N CYS A 136 -11.40 21.30 -1.79
CA CYS A 136 -10.40 20.30 -2.05
C CYS A 136 -10.70 19.09 -1.20
N GLU A 137 -10.21 17.93 -1.63
CA GLU A 137 -10.45 16.71 -0.86
C GLU A 137 -9.14 16.15 -0.35
N ILE A 138 -9.21 15.60 0.85
CA ILE A 138 -8.06 15.00 1.50
C ILE A 138 -8.35 13.54 1.74
N THR A 139 -7.30 12.74 1.87
CA THR A 139 -7.45 11.29 1.99
C THR A 139 -6.38 10.63 2.85
N GLY A 140 -6.80 9.65 3.65
CA GLY A 140 -5.84 8.87 4.42
C GLY A 140 -6.31 7.75 5.36
N PHE A 141 -5.30 7.17 6.00
CA PHE A 141 -5.46 6.17 7.05
C PHE A 141 -5.15 6.76 8.42
N GLY A 142 -4.99 8.08 8.49
CA GLY A 142 -4.62 8.73 9.73
C GLY A 142 -5.74 8.70 10.76
N LYS A 143 -5.41 9.11 11.98
CA LYS A 143 -6.36 9.15 13.08
C LYS A 143 -7.68 9.85 12.73
N GLU A 144 -8.82 9.36 13.23
CA GLU A 144 -10.14 9.98 12.96
C GLU A 144 -10.56 10.97 14.05
N SER A 145 -9.57 11.41 14.84
CA SER A 145 -9.73 12.36 15.93
C SER A 145 -8.32 12.66 16.45
N GLU A 146 -8.14 13.87 16.97
CA GLU A 146 -6.89 14.29 17.58
C GLU A 146 -6.58 13.43 18.81
N SER A 147 -7.62 13.22 19.62
CA SER A 147 -7.56 12.44 20.86
C SER A 147 -7.50 10.92 20.63
N ASP A 148 -8.03 10.46 19.50
CA ASP A 148 -8.08 9.03 19.17
C ASP A 148 -6.64 8.54 19.01
N TYR A 149 -6.33 7.37 19.55
CA TYR A 149 -5.03 6.73 19.31
C TYR A 149 -5.13 5.73 18.16
N LEU A 150 -6.25 5.00 18.14
CA LEU A 150 -6.55 4.05 17.08
C LEU A 150 -6.44 4.68 15.70
N TYR A 151 -5.80 3.96 14.78
CA TYR A 151 -5.84 4.34 13.37
C TYR A 151 -7.00 3.54 12.72
N PRO A 152 -7.67 4.14 11.72
CA PRO A 152 -8.73 3.41 11.01
C PRO A 152 -8.22 2.27 10.13
N LYS A 153 -9.10 1.34 9.83
CA LYS A 153 -8.73 0.17 9.07
C LYS A 153 -8.73 0.47 7.59
N ASN A 154 -9.62 1.35 7.14
CA ASN A 154 -9.74 1.57 5.70
C ASN A 154 -9.71 3.04 5.27
N LEU A 155 -9.48 3.25 3.98
CA LEU A 155 -9.14 4.55 3.43
C LEU A 155 -10.28 5.53 3.58
N LYS A 156 -10.01 6.68 4.20
CA LYS A 156 -11.01 7.73 4.29
C LYS A 156 -10.68 8.92 3.39
N MET A 157 -11.73 9.60 2.91
CA MET A 157 -11.61 10.89 2.21
C MET A 157 -12.55 11.93 2.81
N SER A 158 -12.15 13.19 2.76
CA SER A 158 -13.00 14.27 3.23
C SER A 158 -12.81 15.51 2.38
N VAL A 159 -13.59 16.55 2.67
CA VAL A 159 -13.55 17.81 1.93
C VAL A 159 -13.24 18.99 2.83
N VAL A 160 -12.21 19.72 2.45
CA VAL A 160 -11.83 20.94 3.14
C VAL A 160 -11.83 22.11 2.14
N LYS A 161 -11.72 23.32 2.68
CA LYS A 161 -11.68 24.52 1.86
C LYS A 161 -10.35 25.24 2.01
N LEU A 162 -9.86 25.75 0.88
CA LEU A 162 -8.60 26.47 0.88
C LEU A 162 -8.78 27.76 1.67
N VAL A 163 -7.76 28.07 2.48
CA VAL A 163 -7.75 29.28 3.28
C VAL A 163 -6.62 30.17 2.83
N SER A 164 -6.92 31.45 2.63
CA SER A 164 -5.96 32.43 2.13
C SER A 164 -4.81 32.60 3.10
N HIS A 165 -3.66 32.99 2.58
CA HIS A 165 -2.50 33.21 3.43
C HIS A 165 -2.76 34.36 4.38
N GLU A 166 -3.45 35.40 3.92
CA GLU A 166 -3.72 36.56 4.75
C GLU A 166 -4.50 36.13 5.98
N GLN A 167 -5.47 35.24 5.78
CA GLN A 167 -6.28 34.76 6.89
C GLN A 167 -5.49 33.81 7.75
N CYS A 168 -4.61 33.05 7.11
CA CYS A 168 -3.85 31.99 7.78
C CYS A 168 -2.68 32.56 8.58
N MET A 169 -2.17 33.71 8.14
CA MET A 169 -0.98 34.32 8.73
C MET A 169 -1.39 35.28 9.85
N GLN A 170 -2.69 35.33 10.13
CA GLN A 170 -3.17 36.07 11.30
C GLN A 170 -2.55 35.43 12.55
N PRO A 171 -2.23 36.25 13.58
CA PRO A 171 -1.61 35.71 14.80
C PRO A 171 -2.41 34.60 15.52
N HIS A 172 -3.72 34.71 15.58
CA HIS A 172 -4.53 33.70 16.31
C HIS A 172 -4.73 32.45 15.44
N TYR A 173 -4.07 32.45 14.29
CA TYR A 173 -3.95 31.27 13.45
C TYR A 173 -2.53 30.71 13.59
N TYR A 174 -1.62 31.14 12.72
CA TYR A 174 -0.26 30.60 12.67
C TYR A 174 0.78 31.68 12.53
N GLY A 175 0.33 32.92 12.30
CA GLY A 175 1.24 34.05 12.28
C GLY A 175 2.32 33.93 11.22
N SER A 176 3.57 34.13 11.65
CA SER A 176 4.69 34.18 10.72
C SER A 176 5.27 32.79 10.38
N GLU A 177 4.69 31.73 10.94
CA GLU A 177 5.18 30.38 10.65
C GLU A 177 4.53 29.81 9.37
N ILE A 178 3.74 30.63 8.69
CA ILE A 178 3.26 30.32 7.34
C ILE A 178 4.00 31.16 6.29
N ASN A 179 4.57 30.50 5.29
CA ASN A 179 5.08 31.18 4.09
C ASN A 179 4.30 30.74 2.86
N TYR A 180 4.65 31.32 1.71
CA TYR A 180 3.84 31.16 0.52
C TYR A 180 4.11 29.87 -0.22
N LYS A 181 5.08 29.10 0.27
CA LYS A 181 5.35 27.75 -0.24
C LYS A 181 4.51 26.72 0.53
N MET A 182 3.57 27.24 1.32
CA MET A 182 2.59 26.41 2.02
C MET A 182 1.18 26.76 1.58
N LEU A 183 0.27 25.83 1.82
CA LEU A 183 -1.14 26.01 1.54
C LEU A 183 -1.98 25.58 2.74
N CYS A 184 -2.80 26.49 3.23
CA CYS A 184 -3.65 26.18 4.36
C CYS A 184 -5.04 25.71 3.92
N ALA A 185 -5.59 24.71 4.59
CA ALA A 185 -6.95 24.31 4.29
C ALA A 185 -7.68 23.83 5.52
N ALA A 186 -8.97 24.15 5.60
CA ALA A 186 -9.77 23.80 6.75
C ALA A 186 -11.24 23.65 6.41
N ASP A 187 -12.00 23.07 7.34
CA ASP A 187 -13.45 23.12 7.32
C ASP A 187 -13.89 24.46 7.91
N PRO A 188 -14.81 25.19 7.22
CA PRO A 188 -15.27 26.45 7.85
C PRO A 188 -16.01 26.19 9.18
N GLU A 189 -16.53 24.97 9.33
CA GLU A 189 -17.18 24.53 10.57
C GLU A 189 -16.20 23.80 11.50
N TRP A 190 -14.93 23.71 11.09
CA TRP A 190 -13.85 23.15 11.90
C TRP A 190 -14.10 21.74 12.45
N LYS A 191 -14.87 20.93 11.72
CA LYS A 191 -15.24 19.61 12.18
C LYS A 191 -14.47 18.54 11.40
N THR A 192 -14.04 18.88 10.19
CA THR A 192 -13.29 17.94 9.34
C THR A 192 -11.92 18.51 9.00
N ASP A 193 -10.94 17.61 8.88
CA ASP A 193 -9.53 17.99 8.80
C ASP A 193 -8.68 16.73 8.61
N SER A 194 -7.45 16.90 8.14
CA SER A 194 -6.49 15.81 8.14
C SER A 194 -5.79 15.75 9.50
N CYS A 195 -5.18 14.61 9.82
CA CYS A 195 -4.62 14.37 11.16
C CYS A 195 -3.35 13.54 11.09
N LYS A 196 -2.80 13.23 12.26
CA LYS A 196 -1.58 12.44 12.37
C LYS A 196 -1.75 11.15 11.55
N GLY A 197 -0.79 10.89 10.66
CA GLY A 197 -0.83 9.71 9.83
C GLY A 197 -1.40 9.95 8.44
N ASP A 198 -1.83 11.18 8.18
CA ASP A 198 -2.22 11.58 6.83
C ASP A 198 -1.04 12.20 6.11
N SER A 199 0.01 12.54 6.84
CA SER A 199 1.22 13.12 6.28
C SER A 199 1.62 12.49 4.98
N GLY A 200 2.07 13.34 4.05
CA GLY A 200 2.50 12.91 2.74
C GLY A 200 1.35 12.65 1.78
N GLY A 201 0.13 12.58 2.30
CA GLY A 201 -1.03 12.31 1.45
C GLY A 201 -1.47 13.52 0.66
N PRO A 202 -2.35 13.30 -0.33
CA PRO A 202 -2.77 14.37 -1.27
C PRO A 202 -3.77 15.39 -0.75
N LEU A 203 -3.62 16.60 -1.26
CA LEU A 203 -4.67 17.61 -1.25
C LEU A 203 -5.07 17.84 -2.71
N ILE A 204 -6.27 17.39 -3.06
CA ILE A 204 -6.76 17.43 -4.43
C ILE A 204 -7.74 18.58 -4.71
N CYS A 205 -7.32 19.50 -5.56
CA CYS A 205 -8.15 20.64 -5.93
C CYS A 205 -8.46 20.56 -7.41
N ASN A 206 -9.54 21.20 -7.82
CA ASN A 206 -9.80 21.34 -9.24
C ASN A 206 -9.14 22.60 -9.77
N ILE A 207 -8.45 22.47 -10.89
CA ILE A 207 -7.86 23.61 -11.56
C ILE A 207 -8.20 23.52 -13.05
N GLU A 208 -9.09 24.41 -13.50
CA GLU A 208 -9.76 24.29 -14.82
C GLU A 208 -10.66 23.06 -14.86
N GLY A 209 -11.35 22.74 -13.76
CA GLY A 209 -12.17 21.54 -13.74
C GLY A 209 -11.36 20.26 -13.94
N ARG A 210 -10.06 20.34 -13.63
CA ARG A 210 -9.19 19.17 -13.62
C ARG A 210 -8.71 18.89 -12.17
N PRO A 211 -8.93 17.66 -11.68
CA PRO A 211 -8.33 17.22 -10.40
C PRO A 211 -6.81 17.38 -10.40
N THR A 212 -6.30 18.06 -9.38
CA THR A 212 -4.90 18.43 -9.31
C THR A 212 -4.33 18.27 -7.89
N LEU A 213 -3.12 17.72 -7.82
CA LEU A 213 -2.36 17.65 -6.58
C LEU A 213 -1.86 19.04 -6.22
N SER A 214 -2.61 19.74 -5.37
CA SER A 214 -2.23 21.09 -4.98
C SER A 214 -1.40 21.05 -3.74
N GLY A 215 -1.59 20.01 -2.93
CA GLY A 215 -0.90 19.92 -1.66
C GLY A 215 -0.50 18.54 -1.20
N ILE A 216 0.45 18.57 -0.26
CA ILE A 216 0.97 17.39 0.41
C ILE A 216 0.81 17.62 1.90
N VAL A 217 0.10 16.72 2.58
CA VAL A 217 -0.18 16.90 3.99
C VAL A 217 1.14 17.04 4.70
N SER A 218 1.30 18.16 5.41
CA SER A 218 2.58 18.49 6.01
C SER A 218 2.44 18.70 7.53
N TRP A 219 1.60 19.63 7.98
CA TRP A 219 1.42 19.80 9.44
C TRP A 219 0.14 20.49 9.94
N GLY A 220 0.11 20.79 11.23
CA GLY A 220 -0.97 21.52 11.87
C GLY A 220 -0.93 21.42 13.38
N ARG A 221 -1.39 22.46 14.09
CA ARG A 221 -1.58 22.37 15.54
C ARG A 221 -2.92 21.69 15.81
N GLY A 222 -2.86 20.50 16.39
CA GLY A 222 -4.04 19.69 16.59
C GLY A 222 -4.59 19.11 15.31
N CYS A 223 -5.81 18.58 15.41
CA CYS A 223 -6.56 18.09 14.25
C CYS A 223 -7.99 18.61 14.33
N ALA A 224 -8.41 19.30 13.26
CA ALA A 224 -9.75 19.91 13.21
C ALA A 224 -9.97 20.84 14.40
N GLU A 225 -8.90 21.50 14.80
CA GLU A 225 -8.96 22.44 15.90
C GLU A 225 -9.43 23.78 15.36
N LYS A 226 -10.47 24.34 15.96
CA LYS A 226 -11.00 25.63 15.52
C LYS A 226 -9.89 26.69 15.48
N ASN A 227 -10.01 27.60 14.52
CA ASN A 227 -8.99 28.61 14.17
C ASN A 227 -7.63 28.03 13.71
N LYS A 228 -7.55 26.71 13.50
CA LYS A 228 -6.27 26.06 13.11
C LYS A 228 -6.32 25.10 11.91
N PRO A 229 -6.03 25.60 10.72
CA PRO A 229 -6.14 24.76 9.52
C PRO A 229 -4.99 23.77 9.32
N GLY A 230 -5.18 22.85 8.38
CA GLY A 230 -4.13 21.93 8.03
C GLY A 230 -3.18 22.67 7.11
N VAL A 231 -1.88 22.46 7.28
CA VAL A 231 -0.91 23.06 6.39
C VAL A 231 -0.30 22.05 5.42
N TYR A 232 -0.29 22.41 4.14
CA TYR A 232 0.18 21.56 3.05
C TYR A 232 1.35 22.16 2.28
N THR A 233 2.27 21.31 1.82
CA THR A 233 3.31 21.76 0.89
C THR A 233 2.68 22.19 -0.43
N ARG A 234 2.91 23.44 -0.84
CA ARG A 234 2.26 23.97 -2.05
C ARG A 234 2.95 23.51 -3.34
N VAL A 235 2.41 22.46 -3.94
CA VAL A 235 3.08 21.78 -5.03
C VAL A 235 3.41 22.68 -6.23
N SER A 236 2.53 23.65 -6.51
CA SER A 236 2.73 24.61 -7.60
C SER A 236 4.06 25.39 -7.50
N HIS A 237 4.60 25.52 -6.29
CA HIS A 237 5.90 26.18 -6.10
C HIS A 237 7.09 25.21 -6.06
N PHE A 238 6.89 23.98 -6.50
CA PHE A 238 7.96 22.99 -6.44
C PHE A 238 8.09 22.22 -7.74
N LEU A 239 7.36 22.66 -8.75
CA LEU A 239 7.32 21.96 -10.03
C LEU A 239 8.68 21.83 -10.68
N ASP A 240 9.45 22.91 -10.68
CA ASP A 240 10.80 22.86 -11.21
C ASP A 240 11.60 21.79 -10.50
N TRP A 241 11.48 21.78 -9.17
CA TRP A 241 12.17 20.78 -8.36
C TRP A 241 11.73 19.38 -8.77
N ILE A 242 10.42 19.15 -8.86
CA ILE A 242 9.90 17.83 -9.19
C ILE A 242 10.41 17.36 -10.55
N GLN A 243 10.21 18.19 -11.55
CA GLN A 243 10.58 17.80 -12.90
C GLN A 243 12.09 17.90 -13.15
N SER A 244 12.86 18.47 -12.23
CA SER A 244 14.32 18.32 -12.30
C SER A 244 14.81 16.95 -11.84
N HIS A 245 14.04 16.27 -11.01
CA HIS A 245 14.45 14.96 -10.52
C HIS A 245 13.84 13.85 -11.38
N ILE A 246 13.03 14.24 -12.35
CA ILE A 246 12.42 13.28 -13.26
C ILE A 246 12.32 13.77 -14.70
N GLY A 247 12.58 12.88 -15.64
CA GLY A 247 12.55 13.23 -17.06
C GLY A 247 13.77 12.74 -17.82
N GLN B 1 16.94 -14.69 8.77
CA GLN B 1 16.81 -16.09 9.32
C GLN B 1 15.38 -16.62 9.14
N VAL B 2 14.59 -15.89 8.37
CA VAL B 2 13.27 -16.30 7.96
C VAL B 2 13.30 -17.51 6.99
N GLN B 3 12.61 -18.59 7.35
CA GLN B 3 12.53 -19.78 6.49
C GLN B 3 11.11 -20.32 6.35
N LEU B 4 10.76 -20.64 5.10
CA LEU B 4 9.60 -21.44 4.73
C LEU B 4 10.09 -22.78 4.27
N GLN B 5 9.45 -23.84 4.75
CA GLN B 5 9.86 -25.16 4.33
C GLN B 5 8.70 -26.08 4.06
N GLU B 6 8.70 -26.58 2.83
CA GLU B 6 7.73 -27.57 2.36
C GLU B 6 8.16 -29.00 2.71
N SER B 7 7.17 -29.81 2.99
CA SER B 7 7.39 -31.22 3.14
C SER B 7 6.18 -31.99 2.67
N GLY B 8 6.39 -33.26 2.42
CA GLY B 8 5.34 -34.13 1.92
C GLY B 8 5.55 -34.62 0.51
N GLY B 9 6.56 -34.15 -0.21
CA GLY B 9 6.75 -34.62 -1.57
C GLY B 9 6.97 -36.12 -1.69
N GLY B 10 6.74 -36.65 -2.88
CA GLY B 10 6.83 -38.09 -3.11
C GLY B 10 6.17 -38.62 -4.36
N LEU B 11 6.07 -39.95 -4.40
CA LEU B 11 5.58 -40.69 -5.58
C LEU B 11 4.32 -41.46 -5.25
N VAL B 12 3.20 -41.07 -5.85
CA VAL B 12 1.91 -41.67 -5.51
C VAL B 12 1.18 -42.18 -6.75
N GLN B 13 0.42 -43.24 -6.57
CA GLN B 13 -0.41 -43.85 -7.62
C GLN B 13 -1.57 -42.94 -8.03
N PRO B 14 -1.85 -42.84 -9.35
CA PRO B 14 -2.99 -42.01 -9.77
C PRO B 14 -4.28 -42.44 -9.07
N GLY B 15 -5.00 -41.45 -8.57
CA GLY B 15 -6.19 -41.68 -7.76
C GLY B 15 -5.88 -41.67 -6.28
N GLY B 16 -4.60 -41.72 -5.94
CA GLY B 16 -4.15 -41.76 -4.56
C GLY B 16 -4.21 -40.38 -3.94
N SER B 17 -3.86 -40.31 -2.67
CA SER B 17 -3.87 -39.03 -1.97
C SER B 17 -2.52 -38.73 -1.36
N LEU B 18 -2.29 -37.46 -1.12
CA LEU B 18 -1.02 -36.99 -0.59
C LEU B 18 -1.23 -35.64 0.12
N ARG B 19 -0.56 -35.45 1.25
CA ARG B 19 -0.67 -34.22 2.02
C ARG B 19 0.66 -33.47 2.09
N LEU B 20 0.64 -32.19 1.76
CA LEU B 20 1.82 -31.35 1.87
C LEU B 20 1.69 -30.45 3.07
N SER B 21 2.84 -30.05 3.58
CA SER B 21 2.89 -29.13 4.69
C SER B 21 3.98 -28.10 4.52
N CYS B 22 3.62 -26.88 4.88
CA CYS B 22 4.50 -25.75 4.88
C CYS B 22 4.67 -25.27 6.29
N ALA B 23 5.91 -25.27 6.76
CA ALA B 23 6.24 -24.79 8.09
C ALA B 23 7.13 -23.57 8.02
N ALA B 24 6.95 -22.66 8.96
CA ALA B 24 7.78 -21.47 9.02
C ALA B 24 8.66 -21.47 10.25
N SER B 25 9.83 -20.87 10.10
CA SER B 25 10.66 -20.56 11.25
C SER B 25 11.35 -19.22 11.08
N GLY B 26 11.43 -18.49 12.18
CA GLY B 26 12.01 -17.16 12.18
C GLY B 26 10.94 -16.10 12.18
N PHE B 27 9.69 -16.50 11.98
CA PHE B 27 8.60 -15.53 12.00
C PHE B 27 7.27 -16.23 12.21
N THR B 28 6.24 -15.42 12.45
CA THR B 28 4.87 -15.90 12.67
C THR B 28 4.08 -16.02 11.37
N LEU B 29 3.93 -17.24 10.90
CA LEU B 29 3.29 -17.47 9.61
C LEU B 29 1.85 -16.96 9.62
N GLY B 30 1.26 -16.84 10.80
CA GLY B 30 -0.15 -16.55 10.94
C GLY B 30 -0.57 -15.14 10.53
N TYR B 31 0.40 -14.25 10.35
CA TYR B 31 0.08 -12.90 9.90
C TYR B 31 -0.06 -12.87 8.37
N TYR B 32 0.35 -13.97 7.72
CA TYR B 32 0.57 -14.00 6.29
C TYR B 32 -0.46 -14.81 5.52
N ALA B 33 -0.81 -14.35 4.34
CA ALA B 33 -1.59 -15.19 3.43
C ALA B 33 -0.60 -16.16 2.79
N ILE B 34 -1.05 -17.39 2.54
CA ILE B 34 -0.17 -18.41 1.98
C ILE B 34 -0.76 -18.91 0.70
N GLY B 35 0.11 -19.07 -0.28
CA GLY B 35 -0.24 -19.74 -1.52
C GLY B 35 0.62 -20.96 -1.76
N TRP B 36 -0.02 -21.98 -2.31
CA TRP B 36 0.68 -23.12 -2.90
C TRP B 36 0.73 -22.95 -4.41
N PHE B 37 1.93 -22.97 -4.95
CA PHE B 37 2.15 -22.81 -6.38
C PHE B 37 2.91 -24.01 -6.89
N ARG B 38 2.77 -24.33 -8.15
CA ARG B 38 3.48 -25.47 -8.71
C ARG B 38 4.05 -25.17 -10.08
N ARG B 39 5.21 -25.75 -10.36
CA ARG B 39 5.78 -25.70 -11.71
C ARG B 39 5.92 -27.13 -12.19
N ALA B 40 5.17 -27.39 -13.26
CA ALA B 40 5.18 -28.66 -13.94
C ALA B 40 6.31 -28.61 -14.96
N PRO B 41 6.75 -29.79 -15.43
CA PRO B 41 7.71 -29.83 -16.55
C PRO B 41 7.13 -29.13 -17.79
N GLY B 42 7.85 -28.12 -18.28
CA GLY B 42 7.48 -27.40 -19.48
C GLY B 42 6.56 -26.21 -19.33
N LYS B 43 5.52 -26.33 -18.51
CA LYS B 43 4.63 -25.20 -18.25
C LYS B 43 5.23 -24.21 -17.24
N GLU B 44 4.53 -23.10 -17.04
CA GLU B 44 4.96 -22.04 -16.13
C GLU B 44 4.21 -22.14 -14.80
N ARG B 45 4.84 -21.60 -13.76
CA ARG B 45 4.28 -21.59 -12.40
C ARG B 45 2.83 -21.13 -12.35
N GLU B 46 2.00 -21.88 -11.61
CA GLU B 46 0.58 -21.57 -11.47
C GLU B 46 0.11 -21.69 -10.02
N GLY B 47 -0.85 -20.85 -9.66
CA GLY B 47 -1.42 -20.90 -8.33
C GLY B 47 -2.34 -22.09 -8.19
N VAL B 48 -2.09 -22.92 -7.19
CA VAL B 48 -2.86 -24.14 -7.00
C VAL B 48 -4.02 -23.85 -6.08
N SER B 49 -3.68 -23.27 -4.94
CA SER B 49 -4.63 -23.00 -3.89
C SER B 49 -4.07 -21.99 -2.89
N CYS B 50 -4.92 -21.11 -2.38
CA CYS B 50 -4.47 -20.07 -1.47
C CYS B 50 -5.39 -19.90 -0.28
N ILE B 51 -4.82 -19.36 0.78
CA ILE B 51 -5.56 -19.12 2.03
C ILE B 51 -5.09 -17.84 2.74
N SER B 52 -6.06 -17.13 3.31
CA SER B 52 -5.83 -15.89 4.04
C SER B 52 -5.24 -16.15 5.41
N SER B 53 -4.69 -15.10 6.03
CA SER B 53 -4.00 -15.27 7.32
C SER B 53 -4.85 -15.86 8.45
N SER B 54 -6.13 -15.52 8.51
CA SER B 54 -7.00 -16.03 9.56
C SER B 54 -7.63 -17.34 9.12
N GLY B 55 -7.55 -17.62 7.82
CA GLY B 55 -8.09 -18.83 7.24
C GLY B 55 -9.48 -18.68 6.66
N GLY B 56 -10.05 -17.48 6.71
CA GLY B 56 -11.45 -17.31 6.35
C GLY B 56 -11.71 -17.40 4.86
N SER B 57 -10.70 -17.04 4.06
CA SER B 57 -10.86 -16.97 2.61
C SER B 57 -9.93 -17.98 1.98
N THR B 58 -10.41 -18.66 0.96
CA THR B 58 -9.56 -19.56 0.22
C THR B 58 -9.79 -19.36 -1.25
N ASN B 59 -8.86 -19.84 -2.06
CA ASN B 59 -9.04 -19.87 -3.49
C ASN B 59 -8.46 -21.14 -4.03
N TYR B 60 -9.13 -21.68 -5.04
CA TYR B 60 -8.70 -22.90 -5.69
C TYR B 60 -8.66 -22.70 -7.20
N ALA B 61 -7.61 -23.23 -7.83
CA ALA B 61 -7.54 -23.30 -9.28
C ALA B 61 -8.65 -24.24 -9.73
N ASP B 62 -9.20 -24.00 -10.90
CA ASP B 62 -10.30 -24.84 -11.40
C ASP B 62 -9.83 -26.30 -11.52
N SER B 63 -8.56 -26.47 -11.87
CA SER B 63 -7.97 -27.80 -12.03
C SER B 63 -8.15 -28.70 -10.81
N VAL B 64 -8.20 -28.10 -9.62
CA VAL B 64 -8.11 -28.89 -8.38
C VAL B 64 -9.36 -28.80 -7.49
N LYS B 65 -10.38 -28.08 -7.96
CA LYS B 65 -11.60 -27.89 -7.16
C LYS B 65 -12.21 -29.23 -6.77
N GLY B 66 -12.42 -29.41 -5.47
CA GLY B 66 -13.07 -30.62 -4.96
C GLY B 66 -12.11 -31.77 -4.72
N ARG B 67 -10.84 -31.56 -5.05
CA ARG B 67 -9.82 -32.59 -4.94
C ARG B 67 -8.77 -32.17 -3.92
N PHE B 68 -8.42 -30.88 -3.95
CA PHE B 68 -7.39 -30.32 -3.07
C PHE B 68 -8.06 -29.53 -1.97
N THR B 69 -7.46 -29.55 -0.77
CA THR B 69 -7.98 -28.78 0.36
C THR B 69 -6.86 -28.12 1.15
N ILE B 70 -6.86 -26.79 1.19
CA ILE B 70 -5.85 -26.04 1.92
C ILE B 70 -6.39 -25.75 3.31
N SER B 71 -5.51 -25.80 4.30
CA SER B 71 -5.87 -25.44 5.67
C SER B 71 -4.65 -24.88 6.39
N ARG B 72 -4.84 -24.32 7.57
CA ARG B 72 -3.69 -23.86 8.34
C ARG B 72 -3.88 -23.97 9.85
N ASP B 73 -2.76 -23.97 10.57
CA ASP B 73 -2.75 -23.97 12.01
C ASP B 73 -1.79 -22.88 12.47
N ASN B 74 -2.37 -21.77 12.92
CA ASN B 74 -1.59 -20.61 13.32
C ASN B 74 -1.07 -20.77 14.71
N ALA B 75 -1.50 -21.82 15.40
CA ALA B 75 -0.91 -22.18 16.69
C ALA B 75 0.40 -22.93 16.44
N LYS B 76 0.38 -23.84 15.48
CA LYS B 76 1.53 -24.68 15.15
C LYS B 76 2.45 -24.04 14.07
N ASN B 77 2.01 -22.89 13.54
CA ASN B 77 2.79 -22.13 12.54
C ASN B 77 2.90 -22.86 11.18
N THR B 78 1.80 -23.47 10.75
CA THR B 78 1.81 -24.29 9.54
C THR B 78 0.65 -24.02 8.59
N VAL B 79 0.88 -24.38 7.32
CA VAL B 79 -0.21 -24.46 6.34
C VAL B 79 -0.14 -25.81 5.62
N ASP B 80 -1.29 -26.45 5.44
CA ASP B 80 -1.36 -27.77 4.81
C ASP B 80 -2.13 -27.76 3.50
N LEU B 81 -1.74 -28.68 2.62
CA LEU B 81 -2.46 -28.89 1.38
C LEU B 81 -2.75 -30.37 1.20
N GLN B 82 -4.02 -30.74 1.40
CA GLN B 82 -4.50 -32.10 1.20
C GLN B 82 -4.87 -32.34 -0.25
N MET B 83 -4.24 -33.33 -0.88
CA MET B 83 -4.46 -33.60 -2.28
C MET B 83 -5.04 -35.00 -2.43
N ASN B 84 -6.30 -35.04 -2.90
CA ASN B 84 -6.98 -36.30 -3.14
C ASN B 84 -7.26 -36.47 -4.63
N SER B 85 -7.51 -37.72 -5.06
CA SER B 85 -7.83 -38.02 -6.45
C SER B 85 -6.75 -37.46 -7.38
N LEU B 86 -5.50 -37.78 -7.07
CA LEU B 86 -4.40 -37.21 -7.83
C LEU B 86 -4.40 -37.75 -9.26
N LYS B 87 -3.97 -36.90 -10.17
CA LYS B 87 -3.93 -37.21 -11.59
C LYS B 87 -2.52 -36.97 -12.09
N PRO B 88 -2.15 -37.64 -13.18
CA PRO B 88 -0.80 -37.40 -13.73
C PRO B 88 -0.51 -35.91 -13.95
N GLU B 89 -1.52 -35.15 -14.36
CA GLU B 89 -1.37 -33.73 -14.69
C GLU B 89 -0.89 -32.88 -13.50
N ASP B 90 -1.06 -33.42 -12.29
CA ASP B 90 -0.66 -32.75 -11.05
C ASP B 90 0.82 -32.92 -10.74
N THR B 91 1.52 -33.71 -11.54
CA THR B 91 2.93 -33.92 -11.32
C THR B 91 3.68 -32.61 -11.45
N ALA B 92 4.38 -32.18 -10.40
CA ALA B 92 5.09 -30.90 -10.42
C ALA B 92 5.92 -30.66 -9.17
N ILE B 93 6.71 -29.59 -9.21
CA ILE B 93 7.34 -29.04 -8.00
C ILE B 93 6.32 -28.12 -7.34
N TYR B 94 5.99 -28.39 -6.09
CA TYR B 94 5.08 -27.55 -5.31
C TYR B 94 5.84 -26.66 -4.36
N TYR B 95 5.63 -25.37 -4.52
CA TYR B 95 6.15 -24.35 -3.64
C TYR B 95 5.11 -23.72 -2.71
N CYS B 96 5.58 -23.39 -1.52
CA CYS B 96 4.81 -22.65 -0.54
C CYS B 96 5.31 -21.19 -0.56
N ALA B 97 4.40 -20.23 -0.61
CA ALA B 97 4.82 -18.83 -0.55
C ALA B 97 3.94 -18.04 0.40
N ALA B 98 4.53 -17.02 1.02
CA ALA B 98 3.85 -16.23 2.05
C ALA B 98 3.88 -14.73 1.74
N GLU B 99 2.73 -14.07 1.86
CA GLU B 99 2.64 -12.63 1.59
C GLU B 99 1.73 -11.93 2.62
N TRP B 100 2.24 -10.83 3.17
CA TRP B 100 1.43 -10.03 4.08
C TRP B 100 0.47 -9.15 3.27
N VAL B 101 -0.83 -9.36 3.44
CA VAL B 101 -1.84 -8.55 2.77
C VAL B 101 -2.16 -7.29 3.56
N PRO B 102 -1.77 -6.11 3.06
CA PRO B 102 -2.06 -4.90 3.85
C PRO B 102 -3.56 -4.70 4.07
N PRO B 103 -3.90 -3.92 5.10
CA PRO B 103 -5.30 -3.54 5.26
C PRO B 103 -5.76 -2.55 4.20
N GLY B 104 -7.03 -2.61 3.86
CA GLY B 104 -7.57 -1.69 2.89
C GLY B 104 -7.86 -2.34 1.58
N TYR B 105 -7.75 -3.66 1.52
CA TYR B 105 -8.13 -4.39 0.31
C TYR B 105 -9.36 -5.24 0.58
N GLY B 106 -9.86 -5.89 -0.48
CA GLY B 106 -10.91 -6.88 -0.34
C GLY B 106 -10.47 -8.03 0.55
N ALA B 107 -11.43 -8.85 0.98
CA ALA B 107 -11.12 -9.98 1.84
C ALA B 107 -10.55 -11.15 1.03
N THR B 108 -10.78 -11.11 -0.28
CA THR B 108 -10.47 -12.22 -1.17
C THR B 108 -8.98 -12.49 -1.31
N VAL B 109 -8.63 -13.76 -1.53
CA VAL B 109 -7.26 -14.12 -1.91
C VAL B 109 -7.24 -14.65 -3.35
N GLN B 110 -8.21 -14.22 -4.14
CA GLN B 110 -8.36 -14.68 -5.52
C GLN B 110 -7.23 -14.18 -6.42
N ALA B 111 -6.92 -12.89 -6.32
CA ALA B 111 -5.88 -12.28 -7.14
C ALA B 111 -4.52 -12.71 -6.67
N LEU B 112 -4.43 -13.06 -5.40
CA LEU B 112 -3.20 -13.55 -4.82
C LEU B 112 -2.79 -14.87 -5.48
N CYS B 113 -3.78 -15.59 -6.00
CA CYS B 113 -3.60 -16.94 -6.50
C CYS B 113 -3.54 -17.06 -8.04
N ASN B 114 -4.23 -16.19 -8.76
CA ASN B 114 -4.38 -16.35 -10.20
C ASN B 114 -3.22 -15.79 -11.02
N ASN B 115 -2.22 -15.26 -10.33
CA ASN B 115 -1.18 -14.48 -10.99
C ASN B 115 0.21 -15.08 -10.84
N ALA B 116 0.27 -16.41 -10.87
CA ALA B 116 1.53 -17.14 -10.87
C ALA B 116 2.49 -16.82 -9.72
N GLY B 117 2.02 -16.05 -8.73
CA GLY B 117 2.80 -15.80 -7.53
C GLY B 117 3.81 -14.65 -7.57
N TYR B 118 3.88 -13.92 -8.67
CA TYR B 118 4.78 -12.77 -8.72
C TYR B 118 4.51 -11.76 -7.60
N GLY B 119 5.59 -11.39 -6.91
CA GLY B 119 5.50 -10.40 -5.86
C GLY B 119 5.34 -10.99 -4.47
N MET B 120 5.04 -12.29 -4.36
CA MET B 120 4.97 -12.94 -3.06
C MET B 120 6.30 -12.76 -2.36
N GLU B 121 6.26 -12.30 -1.11
CA GLU B 121 7.46 -11.98 -0.35
C GLU B 121 8.38 -13.18 -0.11
N TYR B 122 7.85 -14.25 0.47
CA TYR B 122 8.66 -15.37 0.93
C TYR B 122 8.31 -16.66 0.20
N TRP B 123 9.33 -17.47 -0.11
CA TRP B 123 9.19 -18.71 -0.88
C TRP B 123 9.97 -19.84 -0.24
N GLY B 124 9.40 -21.04 -0.22
CA GLY B 124 10.14 -22.24 0.13
C GLY B 124 10.95 -22.78 -1.04
N LYS B 125 11.86 -23.71 -0.78
CA LYS B 125 12.70 -24.27 -1.85
C LYS B 125 11.90 -25.21 -2.74
N GLY B 126 10.72 -25.64 -2.27
CA GLY B 126 9.82 -26.48 -3.03
C GLY B 126 9.98 -27.95 -2.73
N THR B 127 8.95 -28.74 -2.99
CA THR B 127 8.98 -30.20 -2.80
C THR B 127 8.31 -30.90 -4.00
N GLN B 128 8.76 -32.12 -4.31
CA GLN B 128 8.31 -32.83 -5.52
C GLN B 128 7.10 -33.73 -5.35
N VAL B 129 6.09 -33.52 -6.19
CA VAL B 129 4.94 -34.41 -6.22
C VAL B 129 4.87 -35.05 -7.58
N THR B 130 4.97 -36.38 -7.59
CA THR B 130 4.87 -37.13 -8.84
C THR B 130 3.77 -38.19 -8.78
N VAL B 131 2.92 -38.11 -9.80
CA VAL B 131 1.81 -39.02 -9.97
C VAL B 131 2.07 -39.84 -11.24
N SER B 132 2.19 -41.16 -11.07
CA SER B 132 2.55 -42.05 -12.17
C SER B 132 2.19 -43.50 -11.89
N SER B 133 1.89 -44.25 -12.95
CA SER B 133 1.63 -45.69 -12.88
C SER B 133 2.86 -46.47 -12.42
N ALA B 134 4.00 -45.79 -12.39
CA ALA B 134 5.25 -46.36 -11.92
C ALA B 134 5.24 -46.57 -10.40
N ALA B 135 4.20 -46.09 -9.74
CA ALA B 135 4.08 -46.25 -8.30
C ALA B 135 3.38 -47.56 -7.97
S SO4 C . 2.73 12.34 11.28
O1 SO4 C . 2.75 13.78 11.57
O2 SO4 C . 3.81 12.03 10.35
O3 SO4 C . 2.93 11.64 12.54
O4 SO4 C . 1.44 11.96 10.68
S SO4 D . 12.80 28.30 2.75
O1 SO4 D . 12.98 29.72 3.08
O2 SO4 D . 13.31 28.09 1.40
O3 SO4 D . 13.55 27.46 3.69
O4 SO4 D . 11.37 27.99 2.84
S SO4 E . -11.51 34.73 11.36
O1 SO4 E . -12.84 35.37 11.44
O2 SO4 E . -10.78 35.30 10.23
O3 SO4 E . -11.69 33.29 11.17
O4 SO4 E . -10.73 35.02 12.57
S SO4 F . -15.32 22.66 -9.92
O1 SO4 F . -15.28 24.10 -9.64
O2 SO4 F . -14.63 22.39 -11.19
O3 SO4 F . -14.64 21.95 -8.84
O4 SO4 F . -16.71 22.21 -9.99
S SO4 G . -9.33 -2.88 -14.56
O1 SO4 G . -9.16 -1.43 -14.65
O2 SO4 G . -9.38 -3.45 -15.91
O3 SO4 G . -8.23 -3.58 -13.88
O4 SO4 G . -10.60 -3.01 -13.83
S SO4 H . -0.31 19.42 18.64
O1 SO4 H . 0.04 20.75 19.16
O2 SO4 H . -0.01 19.37 17.21
O3 SO4 H . 0.46 18.39 19.35
O4 SO4 H . -1.74 19.18 18.86
S SO4 I . 3.16 24.67 -17.32
O1 SO4 I . 2.92 26.11 -17.34
O2 SO4 I . 3.25 24.14 -18.68
O3 SO4 I . 4.40 24.36 -16.60
O4 SO4 I . 2.04 24.02 -16.63
S SO4 J . 16.34 -9.00 8.95
O1 SO4 J . 16.48 -7.54 8.89
O2 SO4 J . 17.07 -9.64 7.85
O3 SO4 J . 16.84 -9.49 10.24
O4 SO4 J . 14.92 -9.34 8.81
C1 EDO K . 6.90 23.35 2.16
O1 EDO K . 6.59 22.64 3.37
C2 EDO K . 7.09 24.85 2.38
O2 EDO K . 8.44 25.23 2.72
C1 EDO L . -1.06 34.40 -3.48
O1 EDO L . -1.38 33.99 -2.13
C2 EDO L . 0.16 33.61 -3.99
O2 EDO L . 1.40 34.24 -3.66
N2 PBZ M . -4.37 19.57 11.77
N3 PBZ M . -4.71 18.96 9.38
C7 PBZ M . -3.96 18.92 10.53
C4 PBZ M . -2.67 18.10 10.49
C2 PBZ M . -0.88 16.82 9.34
C3 PBZ M . -2.07 17.61 9.29
C5 PBZ M . -2.05 17.77 11.70
C6 PBZ M . -0.87 17.01 11.75
C1 PBZ M . -0.28 16.50 10.58
N1 PBZ M . 0.95 15.72 10.69
S SO4 N . 0.07 -38.59 3.91
O1 SO4 N . -1.32 -38.42 3.47
O2 SO4 N . 0.91 -37.76 3.02
O3 SO4 N . 0.45 -40.00 3.79
O4 SO4 N . 0.23 -38.14 5.30
S SO4 O . 11.16 -20.48 15.58
O1 SO4 O . 11.21 -19.06 15.96
O2 SO4 O . 11.84 -20.69 14.30
O3 SO4 O . 11.84 -21.28 16.60
O4 SO4 O . 9.75 -20.88 15.48
S SO4 P . 11.27 -26.96 -17.61
O1 SO4 P . 11.82 -25.63 -17.35
O2 SO4 P . 11.47 -27.26 -19.03
O3 SO4 P . 11.96 -27.95 -16.78
O4 SO4 P . 9.84 -26.99 -17.31
S SO4 Q . -8.16 -12.29 6.61
O1 SO4 Q . -8.02 -11.02 7.32
O2 SO4 Q . -7.89 -12.13 5.18
O3 SO4 Q . -7.18 -13.21 7.20
O4 SO4 Q . -9.53 -12.85 6.76
S SO4 R . 1.80 -42.15 -16.20
O1 SO4 R . 1.83 -40.68 -16.07
O2 SO4 R . 2.10 -42.52 -17.59
O3 SO4 R . 2.81 -42.74 -15.33
O4 SO4 R . 0.49 -42.67 -15.80
S SO4 S . -12.48 -20.64 -5.25
O1 SO4 S . -12.34 -19.30 -4.45
O2 SO4 S . -11.71 -20.60 -6.59
O3 SO4 S . -11.86 -21.73 -4.38
O4 SO4 S . -13.97 -20.87 -5.64
#